data_1MFG
#
_entry.id   1MFG
#
_cell.length_a   26.605
_cell.length_b   57.417
_cell.length_c   30.439
_cell.angle_alpha   90.00
_cell.angle_beta   100.59
_cell.angle_gamma   90.00
#
_symmetry.space_group_name_H-M   'P 1 21 1'
#
loop_
_entity.id
_entity.type
_entity.pdbx_description
1 polymer 'Erb-B2 INTERACTING PROTEIN'
2 polymer 'Erb-B2 carboxyl-terminal fragment'
3 water water
#
loop_
_entity_poly.entity_id
_entity_poly.type
_entity_poly.pdbx_seq_one_letter_code
_entity_poly.pdbx_strand_id
1 'polypeptide(L)'
;GSMEIRVRVEKDPELGFSISGGVGGRGNPFRPDDDGIFVTRVQPEGPASKLLQPGDKIIQANGYSFINIEHGQAVSLLKT
FQNTVELIIVREVSS
;
A
2 'polypeptide(L)' EYLGLDVPV B
#
# COMPACT_ATOMS: atom_id res chain seq x y z
N GLY A 1 11.42 13.45 7.11
CA GLY A 1 10.30 14.22 6.59
C GLY A 1 9.40 13.34 5.75
N SER A 2 8.30 13.82 5.20
CA SER A 2 7.47 12.97 4.37
C SER A 2 7.37 13.56 2.98
N MET A 3 7.08 12.72 2.00
CA MET A 3 6.89 13.14 0.63
C MET A 3 5.68 12.41 0.02
N GLU A 4 4.83 13.14 -0.64
CA GLU A 4 3.69 12.56 -1.30
C GLU A 4 4.03 12.34 -2.76
N ILE A 5 3.80 11.15 -3.26
CA ILE A 5 4.27 10.71 -4.57
C ILE A 5 3.18 10.01 -5.33
N ARG A 6 3.06 10.31 -6.61
CA ARG A 6 2.13 9.59 -7.49
C ARG A 6 2.89 8.48 -8.20
N VAL A 7 2.34 7.29 -8.13
CA VAL A 7 3.00 6.09 -8.66
C VAL A 7 2.03 5.32 -9.54
N ARG A 8 2.41 4.97 -10.76
CA ARG A 8 1.63 4.11 -11.66
C ARG A 8 2.17 2.69 -11.64
N VAL A 9 1.28 1.77 -11.34
CA VAL A 9 1.67 0.36 -11.27
C VAL A 9 0.77 -0.42 -12.20
N GLU A 10 1.42 -1.13 -13.17
CA GLU A 10 0.67 -1.92 -14.12
C GLU A 10 0.48 -3.36 -13.72
N LYS A 11 -0.72 -3.79 -13.43
CA LYS A 11 -1.05 -5.16 -13.01
C LYS A 11 -0.68 -6.21 -14.04
N ASP A 12 -0.07 -7.31 -13.58
CA ASP A 12 0.38 -8.29 -14.57
C ASP A 12 0.30 -9.74 -14.18
N PRO A 13 -0.77 -10.25 -13.61
CA PRO A 13 -2.01 -9.58 -13.28
C PRO A 13 -2.08 -9.03 -11.87
N GLU A 14 -1.03 -9.17 -11.08
CA GLU A 14 -0.97 -8.58 -9.74
C GLU A 14 -0.17 -7.28 -9.78
N LEU A 15 -0.25 -6.52 -8.72
CA LEU A 15 0.57 -5.31 -8.50
C LEU A 15 1.98 -5.62 -8.09
N GLY A 16 2.23 -6.75 -7.49
CA GLY A 16 3.56 -7.12 -7.05
C GLY A 16 4.00 -6.46 -5.77
N PHE A 17 3.10 -6.16 -4.85
CA PHE A 17 3.49 -5.71 -3.53
C PHE A 17 2.47 -6.22 -2.54
N SER A 18 2.83 -6.19 -1.25
CA SER A 18 1.99 -6.62 -0.17
C SER A 18 1.66 -5.40 0.70
N ILE A 19 0.52 -5.49 1.38
CA ILE A 19 0.06 -4.45 2.28
C ILE A 19 -0.32 -5.02 3.63
N SER A 20 -0.38 -4.12 4.61
CA SER A 20 -0.93 -4.40 5.92
C SER A 20 -1.72 -3.15 6.34
N GLY A 21 -2.56 -3.32 7.33
CA GLY A 21 -3.21 -2.25 7.99
C GLY A 21 -4.67 -2.10 7.75
N GLY A 22 -5.17 -0.87 7.82
CA GLY A 22 -6.54 -0.55 7.67
C GLY A 22 -7.35 -0.51 8.94
N VAL A 23 -8.46 0.23 8.87
CA VAL A 23 -9.39 0.22 9.98
C VAL A 23 -9.91 -1.21 10.20
N GLY A 24 -9.85 -1.65 11.49
CA GLY A 24 -10.32 -3.01 11.75
C GLY A 24 -9.20 -4.03 11.55
N GLY A 25 -8.06 -3.60 11.03
CA GLY A 25 -6.92 -4.43 10.73
C GLY A 25 -6.05 -4.71 11.95
N ARG A 26 -4.95 -5.37 11.73
CA ARG A 26 -4.06 -5.76 12.83
C ARG A 26 -2.81 -4.94 12.83
N GLY A 27 -2.81 -3.77 12.18
CA GLY A 27 -1.68 -2.88 12.25
C GLY A 27 -0.66 -3.04 11.17
N ASN A 28 0.53 -2.55 11.43
CA ASN A 28 1.60 -2.46 10.47
C ASN A 28 2.90 -2.30 11.22
N PRO A 29 4.04 -2.58 10.60
CA PRO A 29 5.34 -2.43 11.32
C PRO A 29 5.97 -1.06 11.29
N PHE A 30 5.38 -0.07 10.67
CA PHE A 30 6.00 1.25 10.49
C PHE A 30 5.54 2.32 11.47
N ARG A 31 4.23 2.48 11.60
CA ARG A 31 3.55 3.47 12.44
C ARG A 31 2.49 2.66 13.19
N PRO A 32 2.91 2.00 14.26
CA PRO A 32 1.97 1.00 14.78
C PRO A 32 0.62 1.49 15.29
N ASP A 33 0.56 2.74 15.75
CA ASP A 33 -0.72 3.25 16.27
C ASP A 33 -1.58 3.91 15.20
N ASP A 34 -1.16 3.83 13.95
CA ASP A 34 -1.86 4.37 12.79
C ASP A 34 -2.69 3.30 12.09
N ASP A 35 -3.92 3.58 11.74
CA ASP A 35 -4.85 2.68 11.05
C ASP A 35 -4.61 2.59 9.56
N GLY A 36 -3.57 3.22 9.04
CA GLY A 36 -3.44 3.31 7.60
C GLY A 36 -3.03 2.00 6.93
N ILE A 37 -3.06 2.04 5.62
CA ILE A 37 -2.64 0.98 4.71
C ILE A 37 -1.21 1.23 4.30
N PHE A 38 -0.33 0.30 4.57
CA PHE A 38 1.09 0.42 4.31
C PHE A 38 1.62 -0.71 3.41
N VAL A 39 2.46 -0.34 2.48
CA VAL A 39 3.23 -1.31 1.71
C VAL A 39 4.26 -1.97 2.62
N THR A 40 4.23 -3.32 2.64
CA THR A 40 5.12 -4.04 3.56
C THR A 40 6.22 -4.72 2.80
N ARG A 41 6.07 -5.05 1.54
CA ARG A 41 7.03 -5.78 0.75
C ARG A 41 6.79 -5.49 -0.72
N VAL A 42 7.83 -5.35 -1.49
CA VAL A 42 7.75 -5.08 -2.91
C VAL A 42 8.53 -6.17 -3.62
N GLN A 43 7.90 -6.89 -4.53
CA GLN A 43 8.57 -7.96 -5.31
C GLN A 43 9.68 -7.35 -6.19
N PRO A 44 10.94 -7.77 -6.03
CA PRO A 44 12.05 -7.14 -6.72
C PRO A 44 11.99 -7.11 -8.22
N GLU A 45 11.29 -8.04 -8.83
CA GLU A 45 11.20 -7.92 -10.30
C GLU A 45 9.78 -7.72 -10.74
N GLY A 46 8.92 -7.34 -9.79
CA GLY A 46 7.51 -7.18 -10.12
C GLY A 46 7.18 -5.78 -10.59
N PRO A 47 5.91 -5.53 -10.87
CA PRO A 47 5.52 -4.24 -11.46
C PRO A 47 5.78 -3.04 -10.60
N ALA A 48 5.93 -3.20 -9.29
CA ALA A 48 6.16 -2.05 -8.42
C ALA A 48 7.62 -1.84 -8.11
N SER A 49 8.50 -2.70 -8.70
CA SER A 49 9.91 -2.53 -8.32
C SER A 49 10.46 -1.20 -8.84
N LYS A 50 11.33 -0.62 -8.01
CA LYS A 50 11.92 0.69 -8.17
C LYS A 50 10.89 1.80 -8.00
N LEU A 51 9.61 1.55 -7.81
CA LEU A 51 8.57 2.56 -7.66
C LEU A 51 8.01 2.66 -6.26
N LEU A 52 7.81 1.56 -5.59
CA LEU A 52 7.32 1.50 -4.22
C LEU A 52 8.40 0.88 -3.34
N GLN A 53 8.28 1.15 -2.04
CA GLN A 53 9.20 0.63 -1.04
C GLN A 53 8.41 0.32 0.22
N PRO A 54 8.86 -0.66 0.99
CA PRO A 54 8.26 -0.89 2.31
C PRO A 54 8.18 0.40 3.11
N GLY A 55 7.02 0.63 3.68
CA GLY A 55 6.77 1.80 4.50
C GLY A 55 5.85 2.80 3.81
N ASP A 56 5.79 2.75 2.49
CA ASP A 56 4.95 3.67 1.77
C ASP A 56 3.48 3.54 2.26
N LYS A 57 2.87 4.64 2.62
CA LYS A 57 1.48 4.64 3.06
C LYS A 57 0.59 4.99 1.89
N ILE A 58 -0.32 4.06 1.55
CA ILE A 58 -1.21 4.32 0.47
C ILE A 58 -2.34 5.23 0.91
N ILE A 59 -2.49 6.40 0.30
CA ILE A 59 -3.57 7.31 0.71
C ILE A 59 -4.61 7.45 -0.38
N GLN A 60 -4.36 6.97 -1.58
CA GLN A 60 -5.37 6.99 -2.66
C GLN A 60 -4.98 5.97 -3.72
N ALA A 61 -5.98 5.39 -4.35
CA ALA A 61 -5.72 4.47 -5.47
C ALA A 61 -6.82 4.65 -6.49
N ASN A 62 -6.45 4.97 -7.72
CA ASN A 62 -7.39 5.22 -8.80
C ASN A 62 -8.46 6.21 -8.39
N GLY A 63 -8.06 7.20 -7.58
CA GLY A 63 -8.98 8.22 -7.15
C GLY A 63 -9.85 7.91 -5.96
N TYR A 64 -9.73 6.70 -5.44
CA TYR A 64 -10.46 6.32 -4.22
C TYR A 64 -9.57 6.55 -3.01
N SER A 65 -10.12 7.21 -1.98
CA SER A 65 -9.36 7.46 -0.79
C SER A 65 -9.09 6.21 0.00
N PHE A 66 -7.84 6.06 0.41
CA PHE A 66 -7.42 5.00 1.33
C PHE A 66 -7.20 5.54 2.71
N ILE A 67 -7.61 6.79 2.97
CA ILE A 67 -7.46 7.33 4.33
C ILE A 67 -8.60 6.81 5.23
N ASN A 68 -8.12 6.12 6.30
CA ASN A 68 -9.02 5.46 7.24
C ASN A 68 -9.95 4.49 6.55
N ILE A 69 -9.46 3.78 5.55
CA ILE A 69 -10.25 2.76 4.87
C ILE A 69 -10.23 1.48 5.71
N GLU A 70 -11.31 0.73 5.67
CA GLU A 70 -11.38 -0.60 6.30
C GLU A 70 -10.43 -1.58 5.62
N HIS A 71 -9.86 -2.50 6.40
CA HIS A 71 -8.85 -3.39 5.81
C HIS A 71 -9.37 -4.23 4.66
N GLY A 72 -10.55 -4.89 4.83
CA GLY A 72 -11.01 -5.77 3.76
C GLY A 72 -11.36 -4.96 2.53
N GLN A 73 -11.91 -3.77 2.72
CA GLN A 73 -12.28 -2.94 1.58
C GLN A 73 -11.04 -2.55 0.78
N ALA A 74 -9.94 -2.25 1.46
CA ALA A 74 -8.70 -1.87 0.80
C ALA A 74 -8.17 -3.00 -0.06
N VAL A 75 -8.14 -4.19 0.51
CA VAL A 75 -7.68 -5.37 -0.20
C VAL A 75 -8.55 -5.62 -1.41
N SER A 76 -9.86 -5.66 -1.18
CA SER A 76 -10.74 -5.99 -2.26
C SER A 76 -10.63 -4.96 -3.38
N LEU A 77 -10.55 -3.68 -3.09
CA LEU A 77 -10.39 -2.60 -4.08
C LEU A 77 -9.14 -2.80 -4.92
N LEU A 78 -7.99 -2.95 -4.30
CA LEU A 78 -6.74 -3.16 -5.02
C LEU A 78 -6.81 -4.40 -5.88
N LYS A 79 -7.47 -5.46 -5.44
CA LYS A 79 -7.59 -6.66 -6.22
C LYS A 79 -8.58 -6.51 -7.36
N THR A 80 -9.57 -5.63 -7.24
CA THR A 80 -10.62 -5.46 -8.22
C THR A 80 -10.17 -4.63 -9.43
N PHE A 81 -9.30 -3.65 -9.18
CA PHE A 81 -8.79 -2.86 -10.29
C PHE A 81 -8.15 -3.74 -11.34
N GLN A 82 -8.25 -3.25 -12.58
CA GLN A 82 -7.63 -3.91 -13.73
C GLN A 82 -6.61 -2.96 -14.35
N ASN A 83 -5.60 -3.54 -15.02
CA ASN A 83 -4.60 -2.79 -15.78
C ASN A 83 -3.89 -1.81 -14.88
N THR A 84 -3.85 -0.51 -15.13
CA THR A 84 -2.94 0.27 -14.28
C THR A 84 -3.69 0.83 -13.09
N VAL A 85 -2.95 0.90 -11.99
CA VAL A 85 -3.41 1.53 -10.78
C VAL A 85 -2.53 2.74 -10.52
N GLU A 86 -3.16 3.91 -10.36
CA GLU A 86 -2.48 5.17 -10.03
C GLU A 86 -2.61 5.38 -8.53
N LEU A 87 -1.49 5.22 -7.81
CA LEU A 87 -1.43 5.36 -6.38
C LEU A 87 -0.93 6.75 -5.99
N ILE A 88 -1.44 7.25 -4.90
CA ILE A 88 -0.79 8.34 -4.15
C ILE A 88 -0.30 7.71 -2.87
N ILE A 89 1.02 7.84 -2.62
CA ILE A 89 1.61 7.33 -1.38
C ILE A 89 2.25 8.48 -0.62
N VAL A 90 2.44 8.27 0.66
CA VAL A 90 3.25 9.12 1.53
C VAL A 90 4.45 8.27 2.00
N ARG A 91 5.64 8.74 1.64
CA ARG A 91 6.91 8.08 1.94
C ARG A 91 7.68 8.91 2.95
N GLU A 92 8.21 8.28 3.98
CA GLU A 92 9.08 8.94 4.93
C GLU A 92 10.47 9.04 4.26
N VAL A 93 11.14 10.12 4.56
CA VAL A 93 12.43 10.41 3.98
C VAL A 93 13.41 10.80 5.07
N SER A 94 14.62 10.22 4.99
CA SER A 94 15.66 10.54 5.94
C SER A 94 15.91 12.03 6.07
N SER A 95 16.25 12.45 7.28
CA SER A 95 16.88 13.73 7.55
C SER A 95 18.24 13.80 6.88
N GLU B 1 -1.68 -6.65 18.24
CA GLU B 1 -0.38 -6.22 17.78
C GLU B 1 -0.08 -6.80 16.39
N TYR B 2 0.66 -6.11 15.53
CA TYR B 2 1.04 -6.58 14.21
C TYR B 2 2.08 -7.67 14.32
N LEU B 3 1.90 -8.80 13.64
CA LEU B 3 2.73 -9.96 13.77
C LEU B 3 3.27 -10.42 12.41
N GLY B 4 3.23 -9.53 11.42
CA GLY B 4 3.86 -9.81 10.16
C GLY B 4 3.03 -10.38 9.05
N LEU B 5 1.71 -10.55 9.29
CA LEU B 5 0.84 -11.06 8.25
C LEU B 5 0.38 -9.94 7.29
N ASP B 6 0.94 -9.94 6.10
CA ASP B 6 0.60 -8.96 5.08
C ASP B 6 -0.16 -9.71 3.99
N VAL B 7 -0.67 -8.94 3.04
CA VAL B 7 -1.52 -9.41 2.00
C VAL B 7 -0.95 -9.06 0.61
N PRO B 8 -0.56 -10.04 -0.18
CA PRO B 8 -0.09 -9.72 -1.56
C PRO B 8 -1.22 -9.30 -2.46
N VAL B 9 -0.98 -8.24 -3.22
CA VAL B 9 -1.92 -7.76 -4.21
C VAL B 9 -1.19 -7.52 -5.54
#